data_1Y7W
#
_entry.id   1Y7W
#
_cell.length_a   47.022
_cell.length_b   119.835
_cell.length_c   58.442
_cell.angle_alpha   90
_cell.angle_beta   94.549
_cell.angle_gamma   90
#
_symmetry.space_group_name_H-M   'P 1 21 1'
#
loop_
_entity.id
_entity.type
_entity.pdbx_description
1 polymer 'Halotolerant alpha-type carbonic anhydrase (dCA II)'
2 non-polymer 'SODIUM ION'
3 non-polymer 'ZINC ION'
4 non-polymer 'ACETIC ACID'
5 water water
#
_entity_poly.entity_id   1
_entity_poly.type   'polypeptide(L)'
_entity_poly.pdbx_seq_one_letter_code
;MASMTGGQQMGRGSEEPNPNDGYDYMQHGFDWPGLQEGGTTKYPACSGSNQSPIDINTNQLMEPSSRSGTSAVSLNGLNV
DGAQADGITLTNAKVDLEQGMKVTFDQPAANLPTIEIGGTTKSFVPIQFHFHHFLSEHTINGIHYPLELHIVMQEQDPAD
VATAQLAVIGIMYKYSENGDAFLNSLQTQIEGKIGDGTASYGDTGVSIDNINVKTQLLPSSLKYAGYDGSLTTPGCDERV
KWHVFTTPREVTREQMKLFVDVTMGAHAGADVVNNRMIQDLGDREVYKYNY
;
_entity_poly.pdbx_strand_id   A,B
#
loop_
_chem_comp.id
_chem_comp.type
_chem_comp.name
_chem_comp.formula
ACY non-polymer 'ACETIC ACID' 'C2 H4 O2'
NA non-polymer 'SODIUM ION' 'Na 1'
ZN non-polymer 'ZINC ION' 'Zn 2'
#
# COMPACT_ATOMS: atom_id res chain seq x y z
N ASN A 18 -8.85 18.07 0.85
CA ASN A 18 -10.14 18.80 1.06
C ASN A 18 -11.43 17.93 1.16
N PRO A 19 -11.47 16.71 0.56
CA PRO A 19 -12.68 15.85 0.62
C PRO A 19 -13.06 15.34 2.01
N ASN A 20 -12.04 14.93 2.76
CA ASN A 20 -12.21 14.38 4.10
C ASN A 20 -11.78 15.46 5.05
N ASP A 21 -12.22 15.37 6.29
CA ASP A 21 -11.84 16.45 7.16
C ASP A 21 -10.57 16.37 7.99
N GLY A 22 -10.52 15.44 8.92
CA GLY A 22 -9.32 15.37 9.73
C GLY A 22 -8.26 14.41 9.23
N TYR A 23 -8.38 13.89 8.01
CA TYR A 23 -7.42 12.91 7.54
C TYR A 23 -7.32 12.81 6.01
N ASP A 24 -6.30 12.12 5.51
CA ASP A 24 -6.18 11.95 4.07
C ASP A 24 -5.54 10.56 3.82
N TYR A 25 -5.36 10.26 2.55
CA TYR A 25 -4.83 8.96 2.15
C TYR A 25 -3.40 8.96 1.70
N MET A 26 -2.69 10.04 1.99
N MET A 26 -2.70 10.04 2.01
CA MET A 26 -1.30 10.08 1.57
CA MET A 26 -1.30 10.12 1.61
C MET A 26 -0.48 8.90 2.10
C MET A 26 -0.48 8.94 2.11
N GLN A 27 -0.76 8.45 3.33
CA GLN A 27 -0.02 7.32 3.86
C GLN A 27 -0.93 6.12 4.02
N HIS A 28 -2.03 6.14 3.28
CA HIS A 28 -3.00 5.04 3.32
C HIS A 28 -3.40 4.69 4.75
N GLY A 29 -3.51 5.72 5.58
CA GLY A 29 -3.91 5.50 6.95
C GLY A 29 -2.84 5.09 7.93
N PHE A 30 -1.60 4.96 7.49
CA PHE A 30 -0.53 4.55 8.38
C PHE A 30 -0.44 5.55 9.55
N ASP A 31 -0.71 6.80 9.25
CA ASP A 31 -0.66 7.93 10.22
C ASP A 31 -1.89 8.13 11.11
N TRP A 32 -3.01 7.55 10.70
CA TRP A 32 -4.28 7.74 11.43
C TRP A 32 -4.29 7.43 12.92
N PRO A 33 -3.76 6.25 13.33
CA PRO A 33 -3.76 5.90 14.75
C PRO A 33 -2.94 6.87 15.64
N GLY A 34 -1.98 7.56 15.05
CA GLY A 34 -1.14 8.45 15.81
C GLY A 34 -1.54 9.91 15.80
N LEU A 35 -2.54 10.30 15.01
CA LEU A 35 -2.94 11.69 14.95
C LEU A 35 -3.46 12.13 16.31
N GLN A 36 -2.96 13.30 16.73
CA GLN A 36 -3.33 13.88 18.03
C GLN A 36 -3.57 15.34 17.87
N GLU A 37 -4.47 15.89 18.68
CA GLU A 37 -4.72 17.33 18.66
C GLU A 37 -4.99 17.73 20.09
N GLY A 38 -4.14 18.61 20.61
CA GLY A 38 -4.29 19.08 21.98
C GLY A 38 -3.89 17.94 22.89
N GLY A 39 -2.79 17.27 22.55
CA GLY A 39 -2.32 16.15 23.33
C GLY A 39 -3.37 15.06 23.50
N THR A 40 -4.42 15.07 22.67
CA THR A 40 -5.48 14.06 22.70
C THR A 40 -5.52 13.24 21.41
N THR A 41 -5.45 11.92 21.52
CA THR A 41 -5.50 11.07 20.32
C THR A 41 -6.84 11.24 19.60
N LYS A 42 -6.75 11.53 18.31
CA LYS A 42 -7.96 11.81 17.53
C LYS A 42 -8.79 10.60 17.20
N TYR A 43 -8.14 9.51 16.85
CA TYR A 43 -8.82 8.29 16.44
C TYR A 43 -8.32 7.06 17.16
N PRO A 44 -8.63 6.98 18.47
CA PRO A 44 -8.20 5.84 19.28
C PRO A 44 -8.66 4.47 18.76
N ALA A 45 -9.83 4.40 18.12
CA ALA A 45 -10.31 3.09 17.65
C ALA A 45 -9.58 2.60 16.41
N CYS A 46 -8.87 3.49 15.73
CA CYS A 46 -8.08 3.05 14.54
C CYS A 46 -6.91 2.19 14.92
N SER A 47 -6.64 2.08 16.23
CA SER A 47 -5.60 1.20 16.75
C SER A 47 -6.17 -0.13 17.24
N GLY A 48 -7.47 -0.35 17.08
CA GLY A 48 -8.04 -1.65 17.54
C GLY A 48 -7.44 -2.92 16.92
N SER A 49 -7.89 -4.09 17.40
CA SER A 49 -7.41 -5.35 16.88
C SER A 49 -8.35 -6.09 15.93
N ASN A 50 -9.49 -5.49 15.57
CA ASN A 50 -10.41 -6.06 14.58
C ASN A 50 -10.58 -5.03 13.43
N GLN A 51 -9.45 -4.51 12.97
CA GLN A 51 -9.53 -3.51 11.92
C GLN A 51 -9.66 -4.03 10.51
N SER A 52 -10.15 -3.16 9.63
CA SER A 52 -10.34 -3.47 8.21
C SER A 52 -9.61 -2.38 7.41
N PRO A 53 -9.22 -2.70 6.16
CA PRO A 53 -9.38 -3.98 5.43
C PRO A 53 -8.34 -5.03 5.80
N ILE A 54 -8.40 -6.20 5.15
CA ILE A 54 -7.47 -7.27 5.42
C ILE A 54 -7.24 -8.01 4.11
N ASP A 55 -6.22 -8.87 4.10
CA ASP A 55 -6.01 -9.73 2.95
C ASP A 55 -6.94 -10.98 3.10
N ILE A 56 -7.52 -11.43 2.01
CA ILE A 56 -8.40 -12.59 2.05
C ILE A 56 -7.59 -13.72 1.37
N ASN A 57 -7.10 -14.66 2.18
CA ASN A 57 -6.31 -15.78 1.69
C ASN A 57 -7.32 -16.90 1.53
N THR A 58 -7.70 -17.18 0.31
CA THR A 58 -8.72 -18.18 0.10
C THR A 58 -8.36 -19.60 0.55
N ASN A 59 -7.08 -19.93 0.69
CA ASN A 59 -6.75 -21.26 1.19
C ASN A 59 -6.88 -21.38 2.71
N GLN A 60 -7.05 -20.25 3.40
CA GLN A 60 -7.24 -20.24 4.84
C GLN A 60 -8.65 -19.97 5.29
N LEU A 61 -9.61 -19.92 4.39
CA LEU A 61 -10.99 -19.65 4.83
C LEU A 61 -11.56 -20.84 5.61
N MET A 62 -12.26 -20.55 6.70
CA MET A 62 -12.86 -21.55 7.55
C MET A 62 -14.34 -21.76 7.21
N GLU A 63 -14.91 -22.84 7.74
CA GLU A 63 -16.31 -23.19 7.50
C GLU A 63 -17.21 -22.26 8.28
N PRO A 64 -18.31 -21.83 7.67
CA PRO A 64 -19.22 -20.92 8.35
C PRO A 64 -19.70 -21.36 9.71
N SER A 65 -19.97 -22.65 9.88
CA SER A 65 -20.47 -23.08 11.19
C SER A 65 -19.44 -22.89 12.29
N SER A 66 -18.16 -22.71 11.93
CA SER A 66 -17.16 -22.51 13.00
C SER A 66 -17.05 -21.06 13.46
N ARG A 67 -17.86 -20.18 12.85
CA ARG A 67 -17.83 -18.77 13.23
C ARG A 67 -18.81 -18.51 14.35
N SER A 68 -18.30 -18.16 15.53
CA SER A 68 -19.20 -17.88 16.66
C SER A 68 -19.83 -16.50 16.57
N GLY A 69 -21.11 -16.42 16.88
CA GLY A 69 -21.78 -15.15 16.91
C GLY A 69 -22.32 -14.51 15.64
N THR A 70 -22.02 -15.02 14.45
CA THR A 70 -22.50 -14.41 13.19
C THR A 70 -22.75 -15.49 12.14
N SER A 71 -23.92 -15.43 11.49
CA SER A 71 -24.28 -16.40 10.44
C SER A 71 -23.97 -15.76 9.09
N ALA A 72 -24.18 -16.56 8.02
CA ALA A 72 -24.11 -16.11 6.63
C ALA A 72 -25.18 -15.04 6.49
N VAL A 73 -25.04 -14.15 5.50
CA VAL A 73 -26.11 -13.17 5.26
C VAL A 73 -27.13 -13.83 4.34
N SER A 74 -28.42 -13.56 4.61
CA SER A 74 -29.48 -14.01 3.70
C SER A 74 -29.65 -12.71 2.84
N LEU A 75 -29.18 -12.76 1.60
CA LEU A 75 -29.19 -11.61 0.72
C LEU A 75 -30.61 -11.12 0.38
N ASN A 76 -31.59 -12.03 0.42
CA ASN A 76 -32.97 -11.68 0.15
C ASN A 76 -33.14 -10.77 -1.08
N GLY A 77 -33.75 -9.60 -0.90
CA GLY A 77 -34.00 -8.69 -2.01
C GLY A 77 -32.79 -8.24 -2.78
N LEU A 78 -31.59 -8.23 -2.16
CA LEU A 78 -30.38 -7.83 -2.92
C LEU A 78 -30.07 -8.82 -4.03
N ASN A 79 -30.44 -10.09 -3.85
CA ASN A 79 -30.13 -11.10 -4.86
C ASN A 79 -31.31 -11.59 -5.70
N VAL A 80 -32.33 -10.75 -5.81
CA VAL A 80 -33.50 -11.02 -6.63
C VAL A 80 -33.61 -9.84 -7.58
N ASP A 81 -33.68 -10.14 -8.88
CA ASP A 81 -33.82 -9.14 -9.96
C ASP A 81 -34.76 -8.06 -9.45
N GLY A 82 -34.29 -6.81 -9.50
CA GLY A 82 -35.08 -5.68 -9.04
C GLY A 82 -36.44 -5.53 -9.73
N ALA A 83 -36.61 -6.10 -10.92
CA ALA A 83 -37.90 -6.04 -11.65
C ALA A 83 -38.96 -6.92 -10.99
N GLN A 84 -38.50 -7.83 -10.12
CA GLN A 84 -39.34 -8.77 -9.40
C GLN A 84 -39.92 -8.17 -8.18
N ALA A 85 -41.04 -8.76 -7.76
CA ALA A 85 -41.73 -8.30 -6.56
C ALA A 85 -40.78 -8.30 -5.32
N ASP A 86 -40.04 -9.37 -5.13
CA ASP A 86 -39.20 -9.33 -3.94
C ASP A 86 -37.76 -9.02 -4.27
N GLY A 87 -37.58 -8.21 -5.31
CA GLY A 87 -36.24 -7.81 -5.75
C GLY A 87 -36.10 -6.34 -5.43
N ILE A 88 -34.92 -5.93 -4.94
CA ILE A 88 -34.72 -4.55 -4.55
C ILE A 88 -34.19 -3.64 -5.66
N THR A 89 -34.82 -2.48 -5.80
CA THR A 89 -34.33 -1.47 -6.75
C THR A 89 -34.03 -0.25 -5.92
N LEU A 90 -32.81 0.30 -6.05
CA LEU A 90 -32.44 1.50 -5.30
C LEU A 90 -33.11 2.64 -6.08
N THR A 91 -33.99 3.36 -5.41
N THR A 91 -34.03 3.35 -5.44
CA THR A 91 -34.74 4.41 -6.07
CA THR A 91 -34.76 4.40 -6.15
C THR A 91 -34.40 5.83 -5.61
C THR A 91 -34.48 5.82 -5.61
N ASN A 92 -34.65 6.83 -6.48
CA ASN A 92 -34.35 8.23 -6.17
C ASN A 92 -32.81 8.25 -5.83
N ALA A 93 -32.05 7.53 -6.64
CA ALA A 93 -30.61 7.44 -6.45
C ALA A 93 -29.93 8.80 -6.78
N LYS A 94 -28.85 9.10 -6.06
CA LYS A 94 -28.08 10.34 -6.22
C LYS A 94 -26.57 10.00 -6.02
N VAL A 95 -25.69 10.73 -6.69
CA VAL A 95 -24.27 10.44 -6.54
C VAL A 95 -23.55 11.73 -6.12
N ASP A 96 -22.50 11.61 -5.32
CA ASP A 96 -21.74 12.79 -4.92
C ASP A 96 -20.58 12.86 -5.92
N LEU A 97 -20.41 14.02 -6.56
CA LEU A 97 -19.34 14.14 -7.52
C LEU A 97 -18.03 14.57 -6.85
N GLU A 98 -17.44 13.66 -6.07
CA GLU A 98 -16.17 13.92 -5.43
C GLU A 98 -15.56 12.58 -5.12
N GLN A 99 -14.41 12.61 -4.47
CA GLN A 99 -13.72 11.36 -4.11
C GLN A 99 -14.67 10.29 -3.53
N GLY A 100 -14.58 9.03 -4.02
CA GLY A 100 -15.39 7.94 -3.52
C GLY A 100 -16.75 7.75 -4.18
N MET A 101 -17.24 8.82 -4.80
CA MET A 101 -18.51 8.83 -5.54
C MET A 101 -19.67 8.14 -4.85
N LYS A 102 -19.92 8.56 -3.63
CA LYS A 102 -20.98 7.97 -2.83
C LYS A 102 -22.33 8.07 -3.51
N VAL A 103 -23.13 7.00 -3.44
CA VAL A 103 -24.45 6.96 -4.03
C VAL A 103 -25.40 6.73 -2.86
N THR A 104 -26.43 7.58 -2.80
CA THR A 104 -27.47 7.48 -1.75
C THR A 104 -28.80 7.24 -2.48
N PHE A 105 -29.84 6.88 -1.74
CA PHE A 105 -31.10 6.54 -2.39
C PHE A 105 -32.17 6.43 -1.30
N ASP A 106 -33.41 6.23 -1.71
CA ASP A 106 -34.46 6.07 -0.72
C ASP A 106 -34.15 4.78 0.06
N GLN A 107 -34.35 4.78 1.37
CA GLN A 107 -34.07 3.55 2.13
C GLN A 107 -34.99 2.40 1.79
N PRO A 108 -34.42 1.25 1.37
CA PRO A 108 -35.26 0.10 1.05
C PRO A 108 -36.02 -0.32 2.33
N ALA A 109 -37.22 -0.85 2.18
CA ALA A 109 -37.98 -1.23 3.37
C ALA A 109 -38.63 -2.61 3.26
N ALA A 110 -38.38 -3.31 2.16
CA ALA A 110 -38.94 -4.64 2.00
C ALA A 110 -37.90 -5.63 1.53
N ASN A 111 -38.11 -6.92 1.81
CA ASN A 111 -37.19 -7.95 1.34
C ASN A 111 -35.76 -7.68 1.77
N LEU A 112 -35.62 -7.13 2.96
CA LEU A 112 -34.30 -6.76 3.48
C LEU A 112 -33.43 -8.00 3.77
N PRO A 113 -32.12 -7.85 3.59
CA PRO A 113 -31.24 -9.00 3.88
C PRO A 113 -31.21 -9.16 5.39
N THR A 114 -30.89 -10.37 5.87
CA THR A 114 -30.79 -10.56 7.32
C THR A 114 -29.49 -11.27 7.71
N ILE A 115 -29.09 -11.06 8.94
CA ILE A 115 -27.92 -11.78 9.48
C ILE A 115 -28.26 -12.10 10.92
N GLU A 116 -27.93 -13.31 11.36
CA GLU A 116 -28.18 -13.66 12.74
C GLU A 116 -26.93 -13.28 13.49
N ILE A 117 -27.11 -12.40 14.47
CA ILE A 117 -25.98 -11.89 15.23
C ILE A 117 -26.22 -12.03 16.70
N GLY A 118 -25.25 -12.69 17.34
CA GLY A 118 -25.37 -12.95 18.77
C GLY A 118 -26.68 -13.67 19.07
N GLY A 119 -27.08 -14.60 18.19
CA GLY A 119 -28.33 -15.32 18.38
C GLY A 119 -29.64 -14.65 17.94
N THR A 120 -29.58 -13.40 17.48
CA THR A 120 -30.77 -12.69 17.05
C THR A 120 -30.71 -12.40 15.56
N THR A 121 -31.78 -12.74 14.85
CA THR A 121 -31.80 -12.48 13.42
C THR A 121 -32.08 -10.99 13.23
N LYS A 122 -31.17 -10.27 12.59
CA LYS A 122 -31.43 -8.85 12.38
C LYS A 122 -31.60 -8.52 10.92
N SER A 123 -32.41 -7.52 10.62
CA SER A 123 -32.61 -7.09 9.20
C SER A 123 -31.65 -5.92 8.94
N PHE A 124 -31.11 -5.84 7.72
CA PHE A 124 -30.19 -4.77 7.40
C PHE A 124 -30.70 -3.87 6.28
N VAL A 125 -30.59 -2.57 6.50
CA VAL A 125 -31.06 -1.59 5.53
C VAL A 125 -29.88 -0.94 4.76
N PRO A 126 -29.81 -1.11 3.44
CA PRO A 126 -28.74 -0.47 2.65
C PRO A 126 -28.90 1.05 2.83
N ILE A 127 -27.82 1.75 3.18
CA ILE A 127 -27.94 3.19 3.38
C ILE A 127 -27.13 4.02 2.34
N GLN A 128 -26.15 3.41 1.72
CA GLN A 128 -25.38 4.13 0.64
C GLN A 128 -24.39 3.12 0.06
N PHE A 129 -23.79 3.45 -1.07
CA PHE A 129 -22.67 2.61 -1.50
C PHE A 129 -21.61 3.58 -1.99
N HIS A 130 -20.34 3.17 -1.97
CA HIS A 130 -19.29 4.13 -2.41
C HIS A 130 -18.12 3.32 -2.97
N PHE A 131 -17.10 4.00 -3.44
CA PHE A 131 -15.99 3.29 -4.08
C PHE A 131 -14.62 3.63 -3.53
N HIS A 132 -13.69 2.67 -3.68
CA HIS A 132 -12.28 2.91 -3.30
C HIS A 132 -11.67 2.64 -4.68
N HIS A 133 -11.11 3.71 -5.27
CA HIS A 133 -10.62 3.68 -6.64
C HIS A 133 -9.11 3.68 -6.84
N PHE A 134 -8.73 2.95 -7.90
CA PHE A 134 -7.35 2.73 -8.32
C PHE A 134 -6.61 1.65 -7.55
N LEU A 135 -6.85 1.55 -6.23
CA LEU A 135 -6.30 0.42 -5.51
C LEU A 135 -7.43 -0.03 -4.57
N SER A 136 -7.74 -1.31 -4.52
CA SER A 136 -8.74 -1.83 -3.61
C SER A 136 -8.24 -1.80 -2.15
N GLU A 137 -9.18 -1.78 -1.20
CA GLU A 137 -8.81 -1.84 0.23
C GLU A 137 -8.50 -3.29 0.60
N HIS A 138 -9.45 -4.20 0.37
CA HIS A 138 -9.10 -5.61 0.63
C HIS A 138 -8.23 -6.13 -0.53
N THR A 139 -7.44 -7.18 -0.24
CA THR A 139 -6.69 -7.87 -1.30
C THR A 139 -7.19 -9.32 -1.20
N ILE A 140 -7.04 -10.09 -2.29
CA ILE A 140 -7.43 -11.49 -2.35
C ILE A 140 -6.14 -12.22 -2.78
N ASN A 141 -5.70 -13.13 -1.92
CA ASN A 141 -4.42 -13.81 -2.10
C ASN A 141 -3.29 -12.82 -2.40
N GLY A 142 -3.26 -11.71 -1.66
CA GLY A 142 -2.20 -10.72 -1.86
C GLY A 142 -2.31 -9.78 -3.06
N ILE A 143 -3.36 -9.95 -3.86
CA ILE A 143 -3.55 -9.13 -5.04
C ILE A 143 -4.59 -8.04 -4.87
N HIS A 144 -4.27 -6.82 -5.32
CA HIS A 144 -5.17 -5.66 -5.33
C HIS A 144 -5.98 -5.67 -6.64
N TYR A 145 -7.14 -4.97 -6.60
CA TYR A 145 -8.01 -4.81 -7.77
C TYR A 145 -8.07 -3.31 -7.97
N PRO A 146 -8.33 -2.84 -9.19
CA PRO A 146 -8.37 -1.40 -9.41
C PRO A 146 -9.61 -0.68 -8.84
N LEU A 147 -10.58 -1.46 -8.41
CA LEU A 147 -11.81 -0.82 -7.88
C LEU A 147 -12.50 -1.71 -6.88
N GLU A 148 -12.96 -1.14 -5.77
CA GLU A 148 -13.70 -1.93 -4.77
C GLU A 148 -14.91 -1.10 -4.37
N LEU A 149 -16.07 -1.72 -4.54
CA LEU A 149 -17.36 -1.12 -4.21
C LEU A 149 -17.82 -1.58 -2.80
N HIS A 150 -18.26 -0.64 -1.97
CA HIS A 150 -18.76 -0.93 -0.64
C HIS A 150 -20.25 -0.52 -0.54
N ILE A 151 -21.13 -1.50 -0.38
CA ILE A 151 -22.57 -1.28 -0.15
C ILE A 151 -22.66 -1.38 1.37
N VAL A 152 -23.00 -0.26 1.99
CA VAL A 152 -23.05 -0.15 3.45
C VAL A 152 -24.48 -0.33 3.97
N MET A 153 -24.69 -1.26 4.89
CA MET A 153 -26.04 -1.50 5.44
C MET A 153 -26.03 -1.31 6.95
N GLN A 154 -27.16 -0.83 7.51
CA GLN A 154 -27.24 -0.58 8.97
C GLN A 154 -28.39 -1.48 9.50
N GLU A 155 -28.20 -2.05 10.67
CA GLU A 155 -29.26 -2.89 11.24
C GLU A 155 -30.55 -2.02 11.35
N GLN A 156 -31.70 -2.64 11.15
CA GLN A 156 -32.97 -1.90 11.21
C GLN A 156 -33.29 -1.41 12.64
N ASP A 157 -33.85 -0.24 12.80
CA ASP A 157 -34.12 0.18 14.21
C ASP A 157 -33.03 -0.15 15.27
N PRO A 158 -31.82 0.43 15.16
CA PRO A 158 -30.83 0.09 16.20
C PRO A 158 -31.15 0.84 17.51
N ALA A 159 -30.45 0.51 18.60
CA ALA A 159 -30.65 1.24 19.86
C ALA A 159 -30.22 2.71 19.68
N ASP A 160 -29.03 2.93 19.10
CA ASP A 160 -28.50 4.27 18.78
C ASP A 160 -27.80 4.13 17.41
N VAL A 161 -28.12 5.04 16.49
CA VAL A 161 -27.52 5.03 15.16
C VAL A 161 -26.00 5.17 15.25
N ALA A 162 -25.51 5.95 16.21
CA ALA A 162 -24.06 6.13 16.33
C ALA A 162 -23.26 4.87 16.64
N THR A 163 -23.88 3.87 17.24
CA THR A 163 -23.19 2.64 17.57
C THR A 163 -23.82 1.42 16.93
N ALA A 164 -24.66 1.67 15.91
CA ALA A 164 -25.38 0.58 15.23
C ALA A 164 -24.53 -0.49 14.59
N GLN A 165 -25.02 -1.73 14.64
CA GLN A 165 -24.31 -2.83 13.96
C GLN A 165 -24.42 -2.53 12.44
N LEU A 166 -23.28 -2.60 11.72
CA LEU A 166 -23.31 -2.42 10.28
C LEU A 166 -22.96 -3.72 9.54
N ALA A 167 -23.37 -3.84 8.28
CA ALA A 167 -22.98 -5.00 7.45
C ALA A 167 -22.53 -4.38 6.15
N VAL A 168 -21.34 -4.72 5.67
CA VAL A 168 -20.90 -4.12 4.42
C VAL A 168 -20.56 -5.22 3.40
N ILE A 169 -20.96 -4.98 2.16
CA ILE A 169 -20.72 -5.90 1.09
C ILE A 169 -19.61 -5.29 0.25
N GLY A 170 -18.58 -6.06 -0.02
CA GLY A 170 -17.45 -5.51 -0.78
C GLY A 170 -17.42 -6.24 -2.10
N ILE A 171 -17.36 -5.50 -3.21
CA ILE A 171 -17.35 -6.08 -4.55
C ILE A 171 -16.13 -5.54 -5.32
N MET A 172 -15.33 -6.45 -5.90
CA MET A 172 -14.12 -6.06 -6.66
C MET A 172 -14.37 -5.96 -8.16
N TYR A 173 -13.54 -5.18 -8.83
CA TYR A 173 -13.58 -5.08 -10.28
C TYR A 173 -12.15 -5.30 -10.74
N LYS A 174 -11.94 -6.24 -11.66
CA LYS A 174 -10.61 -6.45 -12.24
C LYS A 174 -10.52 -5.73 -13.61
N TYR A 175 -9.32 -5.31 -13.98
CA TYR A 175 -9.16 -4.65 -15.28
C TYR A 175 -9.45 -5.73 -16.33
N SER A 176 -10.12 -5.32 -17.38
CA SER A 176 -10.49 -6.23 -18.44
C SER A 176 -10.61 -5.39 -19.73
N GLU A 177 -10.73 -6.04 -20.89
CA GLU A 177 -10.87 -5.26 -22.13
C GLU A 177 -12.35 -4.87 -22.31
N ASN A 178 -13.21 -5.41 -21.45
CA ASN A 178 -14.65 -5.16 -21.47
C ASN A 178 -15.14 -4.53 -20.18
N GLY A 179 -15.65 -3.31 -20.25
CA GLY A 179 -16.07 -2.65 -19.04
C GLY A 179 -17.37 -3.17 -18.45
N ASP A 180 -17.69 -2.65 -17.28
CA ASP A 180 -18.88 -3.01 -16.54
C ASP A 180 -20.05 -2.19 -17.07
N ALA A 181 -21.25 -2.78 -17.13
CA ALA A 181 -22.46 -2.08 -17.61
C ALA A 181 -22.91 -0.93 -16.72
N PHE A 182 -22.99 -1.20 -15.42
CA PHE A 182 -23.39 -0.15 -14.50
C PHE A 182 -22.38 1.02 -14.52
N LEU A 183 -21.08 0.72 -14.48
CA LEU A 183 -20.09 1.79 -14.52
C LEU A 183 -20.26 2.59 -15.84
N ASN A 184 -20.55 1.87 -16.91
CA ASN A 184 -20.76 2.60 -18.15
C ASN A 184 -21.93 3.56 -18.08
N SER A 185 -23.03 3.13 -17.50
CA SER A 185 -24.18 3.99 -17.40
C SER A 185 -23.87 5.17 -16.52
N LEU A 186 -23.25 4.93 -15.35
CA LEU A 186 -22.93 6.04 -14.44
C LEU A 186 -22.03 7.07 -15.12
N GLN A 187 -21.01 6.59 -15.79
CA GLN A 187 -20.07 7.44 -16.50
C GLN A 187 -20.77 8.27 -17.57
N THR A 188 -21.66 7.64 -18.31
CA THR A 188 -22.41 8.30 -19.38
C THR A 188 -23.33 9.34 -18.81
N GLN A 189 -24.04 9.00 -17.74
CA GLN A 189 -24.93 9.94 -17.11
C GLN A 189 -24.18 11.14 -16.57
N ILE A 190 -23.11 10.87 -15.84
CA ILE A 190 -22.35 11.97 -15.27
C ILE A 190 -21.66 12.85 -16.35
N GLU A 191 -20.95 12.22 -17.27
CA GLU A 191 -20.24 12.96 -18.28
C GLU A 191 -21.23 13.80 -19.07
N GLY A 192 -22.45 13.30 -19.20
CA GLY A 192 -23.49 14.00 -19.90
C GLY A 192 -23.94 15.25 -19.15
N LYS A 193 -24.13 15.16 -17.82
CA LYS A 193 -24.55 16.31 -17.01
C LYS A 193 -23.43 17.37 -16.87
N ILE A 194 -22.19 16.92 -16.91
CA ILE A 194 -21.07 17.87 -16.85
C ILE A 194 -21.07 18.61 -18.19
N GLY A 195 -21.31 17.87 -19.26
CA GLY A 195 -21.35 18.45 -20.59
C GLY A 195 -22.46 19.43 -20.85
N ASP A 196 -23.66 19.21 -20.31
CA ASP A 196 -24.72 20.16 -20.57
C ASP A 196 -24.91 21.15 -19.44
N GLY A 197 -23.95 21.20 -18.51
CA GLY A 197 -24.04 22.16 -17.44
C GLY A 197 -25.05 21.94 -16.34
N THR A 198 -25.71 20.79 -16.29
CA THR A 198 -26.70 20.62 -15.22
C THR A 198 -26.06 20.12 -13.89
N ALA A 199 -24.78 19.76 -13.95
CA ALA A 199 -24.04 19.34 -12.77
C ALA A 199 -22.59 19.78 -12.95
N SER A 200 -21.89 20.01 -11.84
CA SER A 200 -20.48 20.40 -11.80
C SER A 200 -19.77 19.47 -10.83
N TYR A 201 -18.47 19.23 -11.06
CA TYR A 201 -17.72 18.40 -10.12
C TYR A 201 -17.81 19.07 -8.74
N GLY A 202 -17.89 18.27 -7.67
CA GLY A 202 -18.02 18.87 -6.36
C GLY A 202 -19.49 18.93 -5.94
N ASP A 203 -20.42 18.89 -6.89
CA ASP A 203 -21.83 18.87 -6.54
C ASP A 203 -22.15 17.54 -5.81
N THR A 204 -23.01 17.59 -4.81
CA THR A 204 -23.39 16.39 -4.10
C THR A 204 -24.88 16.10 -4.37
N GLY A 205 -25.28 14.84 -4.23
CA GLY A 205 -26.68 14.48 -4.43
C GLY A 205 -27.26 14.71 -5.81
N VAL A 206 -26.45 14.47 -6.83
CA VAL A 206 -26.81 14.62 -8.23
C VAL A 206 -27.67 13.41 -8.66
N SER A 207 -28.84 13.65 -9.23
CA SER A 207 -29.71 12.54 -9.62
C SER A 207 -29.20 11.63 -10.68
N ILE A 208 -29.34 10.31 -10.46
CA ILE A 208 -28.96 9.37 -11.46
C ILE A 208 -30.12 8.35 -11.52
N ASP A 209 -30.10 7.47 -12.51
CA ASP A 209 -31.15 6.50 -12.73
C ASP A 209 -31.24 5.48 -11.60
N ASN A 210 -32.40 4.84 -11.49
CA ASN A 210 -32.60 3.83 -10.48
C ASN A 210 -31.65 2.69 -10.73
N ILE A 211 -31.38 1.92 -9.68
CA ILE A 211 -30.40 0.83 -9.80
C ILE A 211 -30.94 -0.53 -9.34
N ASN A 212 -30.75 -1.53 -10.18
CA ASN A 212 -31.19 -2.91 -9.95
C ASN A 212 -29.99 -3.58 -9.22
N VAL A 213 -30.14 -3.77 -7.92
CA VAL A 213 -29.02 -4.30 -7.13
C VAL A 213 -28.48 -5.59 -7.67
N LYS A 214 -29.37 -6.55 -7.89
CA LYS A 214 -28.95 -7.85 -8.35
C LYS A 214 -28.29 -7.86 -9.73
N THR A 215 -28.88 -7.13 -10.67
CA THR A 215 -28.29 -7.17 -12.00
C THR A 215 -27.15 -6.18 -12.23
N GLN A 216 -27.14 -5.09 -11.49
CA GLN A 216 -26.11 -4.12 -11.73
C GLN A 216 -24.90 -4.11 -10.78
N LEU A 217 -25.11 -4.55 -9.54
CA LEU A 217 -24.07 -4.51 -8.52
C LEU A 217 -23.53 -5.86 -8.07
N LEU A 218 -24.38 -6.82 -7.72
CA LEU A 218 -23.85 -8.10 -7.25
C LEU A 218 -23.10 -8.80 -8.35
N PRO A 219 -21.98 -9.49 -8.01
CA PRO A 219 -21.22 -10.17 -9.05
C PRO A 219 -21.87 -11.47 -9.51
N SER A 220 -21.24 -12.10 -10.50
CA SER A 220 -21.77 -13.32 -11.08
C SER A 220 -21.83 -14.55 -10.17
N SER A 221 -21.07 -14.57 -9.08
CA SER A 221 -21.09 -15.70 -8.16
C SER A 221 -21.34 -15.13 -6.77
N LEU A 222 -21.99 -15.91 -5.94
CA LEU A 222 -22.29 -15.43 -4.60
C LEU A 222 -21.18 -15.82 -3.64
N LYS A 223 -20.09 -16.38 -4.15
CA LYS A 223 -18.99 -16.76 -3.24
C LYS A 223 -18.43 -15.55 -2.49
N TYR A 224 -18.34 -15.61 -1.17
CA TYR A 224 -17.73 -14.50 -0.46
C TYR A 224 -17.02 -14.91 0.83
N ALA A 225 -16.17 -14.01 1.31
CA ALA A 225 -15.42 -14.23 2.53
C ALA A 225 -16.05 -13.29 3.58
N GLY A 226 -16.40 -13.81 4.74
CA GLY A 226 -16.97 -12.96 5.77
C GLY A 226 -16.10 -12.93 7.02
N TYR A 227 -16.05 -11.80 7.72
CA TYR A 227 -15.26 -11.74 8.94
C TYR A 227 -15.73 -10.52 9.73
N ASP A 228 -15.28 -10.43 10.99
CA ASP A 228 -15.65 -9.30 11.85
C ASP A 228 -14.64 -8.14 11.71
N GLY A 229 -15.11 -6.95 11.31
CA GLY A 229 -14.14 -5.90 11.10
C GLY A 229 -14.58 -4.53 11.51
N SER A 230 -14.10 -3.53 10.77
CA SER A 230 -14.33 -2.15 11.11
C SER A 230 -14.62 -1.25 9.94
N LEU A 231 -14.97 0.00 10.23
CA LEU A 231 -15.08 1.02 9.16
C LEU A 231 -13.62 1.14 8.66
N THR A 232 -13.44 1.45 7.38
CA THR A 232 -12.06 1.61 6.86
C THR A 232 -11.67 3.11 6.77
N THR A 233 -12.48 3.99 7.39
CA THR A 233 -12.19 5.40 7.46
C THR A 233 -12.32 5.74 8.94
N PRO A 234 -11.63 6.80 9.40
CA PRO A 234 -11.77 7.16 10.84
C PRO A 234 -13.28 7.44 11.14
N GLY A 235 -13.80 7.16 12.34
CA GLY A 235 -13.05 6.64 13.48
C GLY A 235 -12.73 5.14 13.54
N CYS A 236 -12.82 4.40 12.41
CA CYS A 236 -12.48 2.98 12.37
C CYS A 236 -13.29 2.12 13.35
N ASP A 237 -14.52 2.54 13.63
CA ASP A 237 -15.33 1.77 14.58
C ASP A 237 -15.41 0.30 14.24
N GLU A 238 -15.24 -0.57 15.24
CA GLU A 238 -15.30 -2.02 15.06
C GLU A 238 -16.75 -2.54 15.20
N ARG A 239 -17.57 -2.17 14.23
CA ARG A 239 -18.99 -2.55 14.23
C ARG A 239 -19.46 -2.97 12.85
N VAL A 240 -18.56 -3.63 12.12
CA VAL A 240 -18.91 -4.08 10.77
C VAL A 240 -18.80 -5.56 10.48
N LYS A 241 -19.88 -6.18 10.00
CA LYS A 241 -19.80 -7.58 9.56
C LYS A 241 -19.44 -7.43 8.05
N TRP A 242 -18.26 -7.91 7.67
CA TRP A 242 -17.82 -7.76 6.29
C TRP A 242 -18.20 -8.97 5.44
N HIS A 243 -18.54 -8.70 4.18
CA HIS A 243 -18.87 -9.76 3.22
C HIS A 243 -18.12 -9.35 1.94
N VAL A 244 -16.94 -9.92 1.71
CA VAL A 244 -16.15 -9.58 0.54
C VAL A 244 -16.30 -10.65 -0.56
N PHE A 245 -17.04 -10.35 -1.63
CA PHE A 245 -17.25 -11.29 -2.73
C PHE A 245 -15.95 -11.53 -3.44
N THR A 246 -15.63 -12.79 -3.69
CA THR A 246 -14.36 -13.13 -4.31
C THR A 246 -14.34 -13.22 -5.84
N THR A 247 -15.48 -13.15 -6.51
CA THR A 247 -15.52 -13.14 -7.96
C THR A 247 -15.67 -11.68 -8.36
N PRO A 248 -14.71 -11.16 -9.11
CA PRO A 248 -14.82 -9.75 -9.51
C PRO A 248 -15.68 -9.43 -10.71
N ARG A 249 -16.10 -8.17 -10.77
CA ARG A 249 -16.76 -7.64 -11.97
C ARG A 249 -15.57 -7.17 -12.84
N GLU A 250 -15.84 -6.44 -13.93
CA GLU A 250 -14.77 -5.97 -14.82
C GLU A 250 -14.78 -4.49 -15.02
N VAL A 251 -13.64 -3.88 -15.29
CA VAL A 251 -13.59 -2.44 -15.52
C VAL A 251 -12.44 -2.12 -16.45
N THR A 252 -12.59 -1.08 -17.25
CA THR A 252 -11.56 -0.67 -18.18
C THR A 252 -10.84 0.55 -17.69
N ARG A 253 -9.64 0.79 -18.22
CA ARG A 253 -8.94 1.99 -17.81
C ARG A 253 -9.79 3.21 -18.20
N GLU A 254 -10.50 3.10 -19.32
CA GLU A 254 -11.34 4.21 -19.76
C GLU A 254 -12.45 4.52 -18.78
N GLN A 255 -12.95 3.51 -18.10
CA GLN A 255 -14.02 3.77 -17.13
C GLN A 255 -13.38 4.31 -15.87
N MET A 256 -12.15 3.88 -15.56
CA MET A 256 -11.49 4.38 -14.34
C MET A 256 -11.23 5.88 -14.41
N LYS A 257 -11.18 6.42 -15.63
CA LYS A 257 -10.95 7.85 -15.79
C LYS A 257 -12.04 8.67 -15.12
N LEU A 258 -13.26 8.13 -15.06
CA LEU A 258 -14.36 8.87 -14.43
C LEU A 258 -13.98 9.25 -12.99
N PHE A 259 -13.37 8.31 -12.25
CA PHE A 259 -12.98 8.56 -10.87
C PHE A 259 -11.96 9.67 -10.71
N VAL A 260 -10.99 9.74 -11.63
CA VAL A 260 -10.01 10.81 -11.57
C VAL A 260 -10.65 12.16 -11.90
N ASP A 261 -11.40 12.19 -13.00
CA ASP A 261 -12.05 13.42 -13.41
C ASP A 261 -12.91 14.04 -12.27
N VAL A 262 -13.74 13.21 -11.66
CA VAL A 262 -14.62 13.62 -10.60
C VAL A 262 -13.83 13.97 -9.35
N THR A 263 -12.87 13.11 -8.98
CA THR A 263 -12.15 13.38 -7.75
C THR A 263 -11.30 14.64 -7.79
N MET A 264 -10.52 14.82 -8.85
N MET A 264 -10.52 14.82 -8.85
CA MET A 264 -9.66 16.01 -8.93
CA MET A 264 -9.66 16.01 -8.95
C MET A 264 -10.47 17.23 -9.34
C MET A 264 -10.47 17.23 -9.34
N GLY A 265 -11.56 17.00 -10.08
CA GLY A 265 -12.41 18.10 -10.49
C GLY A 265 -13.08 18.69 -9.25
N ALA A 266 -13.34 17.89 -8.22
CA ALA A 266 -13.98 18.39 -7.01
C ALA A 266 -13.05 19.11 -6.04
N HIS A 267 -11.86 18.55 -5.85
CA HIS A 267 -10.86 19.11 -4.94
C HIS A 267 -9.48 18.81 -5.55
N ALA A 268 -8.77 19.86 -5.96
CA ALA A 268 -7.44 19.69 -6.56
C ALA A 268 -6.46 19.00 -5.61
N GLY A 269 -6.72 19.07 -4.32
CA GLY A 269 -5.83 18.40 -3.37
C GLY A 269 -6.33 17.04 -2.89
N ALA A 270 -7.29 16.46 -3.58
CA ALA A 270 -7.84 15.19 -3.14
C ALA A 270 -6.92 14.04 -3.49
N ASP A 271 -7.03 12.95 -2.73
CA ASP A 271 -6.21 11.77 -3.03
C ASP A 271 -7.02 10.96 -4.02
N VAL A 272 -6.41 10.67 -5.16
CA VAL A 272 -7.10 9.93 -6.19
C VAL A 272 -7.12 8.44 -5.86
N VAL A 273 -6.18 7.97 -5.05
CA VAL A 273 -6.13 6.55 -4.69
C VAL A 273 -6.58 6.52 -3.18
N ASN A 274 -7.86 6.17 -2.94
CA ASN A 274 -8.38 6.26 -1.57
C ASN A 274 -8.60 4.97 -0.80
N ASN A 275 -7.53 4.19 -0.69
CA ASN A 275 -7.59 2.94 0.08
C ASN A 275 -6.79 3.01 1.38
N ARG A 276 -7.39 2.45 2.45
CA ARG A 276 -6.67 2.33 3.71
C ARG A 276 -5.80 1.06 3.55
N MET A 277 -4.59 1.07 4.10
CA MET A 277 -3.73 -0.15 4.00
C MET A 277 -4.31 -1.37 4.74
N ILE A 278 -3.90 -2.57 4.36
CA ILE A 278 -4.45 -3.75 5.03
C ILE A 278 -3.98 -3.82 6.50
N GLN A 279 -4.77 -4.50 7.31
CA GLN A 279 -4.56 -4.56 8.76
C GLN A 279 -4.28 -5.96 9.24
N ASP A 280 -3.69 -6.04 10.43
CA ASP A 280 -3.37 -7.30 11.03
C ASP A 280 -4.62 -8.11 11.36
N LEU A 281 -4.69 -9.37 10.90
CA LEU A 281 -5.86 -10.25 11.16
C LEU A 281 -5.98 -10.54 12.65
N GLY A 282 -4.83 -10.59 13.32
CA GLY A 282 -4.85 -10.81 14.76
C GLY A 282 -5.35 -12.19 15.10
N ASP A 283 -6.31 -12.30 16.02
CA ASP A 283 -6.76 -13.65 16.33
C ASP A 283 -8.07 -14.05 15.59
N ARG A 284 -8.49 -13.22 14.64
CA ARG A 284 -9.67 -13.50 13.81
C ARG A 284 -9.42 -14.56 12.77
N GLU A 285 -10.49 -15.23 12.35
CA GLU A 285 -10.41 -16.17 11.22
C GLU A 285 -11.34 -15.52 10.19
N VAL A 286 -11.26 -15.96 8.93
CA VAL A 286 -12.11 -15.41 7.87
C VAL A 286 -12.84 -16.66 7.40
N TYR A 287 -14.11 -16.52 7.05
CA TYR A 287 -14.94 -17.69 6.70
C TYR A 287 -15.42 -17.63 5.26
N LYS A 288 -15.59 -18.79 4.64
CA LYS A 288 -16.06 -18.87 3.26
C LYS A 288 -17.54 -19.23 3.19
N TYR A 289 -18.26 -18.44 2.39
CA TYR A 289 -19.69 -18.61 2.23
C TYR A 289 -20.04 -18.87 0.75
N ASN A 290 -20.97 -19.78 0.55
CA ASN A 290 -21.45 -20.17 -0.77
C ASN A 290 -20.37 -20.82 -1.61
N TYR A 291 -19.37 -21.42 -0.99
CA TYR A 291 -18.32 -22.11 -1.76
C TYR A 291 -18.71 -23.60 -1.94
N ASN B 18 7.24 13.42 -11.46
CA ASN B 18 8.30 13.76 -12.47
C ASN B 18 9.79 13.48 -12.12
N PRO B 19 10.10 12.91 -10.91
CA PRO B 19 11.51 12.63 -10.60
C PRO B 19 11.96 11.43 -11.44
N ASN B 20 11.00 10.52 -11.65
CA ASN B 20 11.20 9.27 -12.38
C ASN B 20 10.85 9.28 -13.87
N ASP B 21 11.62 8.44 -14.53
CA ASP B 21 11.58 8.15 -15.96
C ASP B 21 10.12 8.00 -16.46
N GLY B 22 9.77 6.77 -16.75
CA GLY B 22 8.44 6.53 -17.25
C GLY B 22 7.54 5.81 -16.26
N TYR B 23 7.65 6.14 -14.97
CA TYR B 23 6.81 5.50 -13.97
C TYR B 23 6.66 6.40 -12.72
N ASP B 24 5.67 6.11 -11.86
CA ASP B 24 5.56 6.89 -10.61
C ASP B 24 5.03 5.95 -9.55
N TYR B 25 4.84 6.46 -8.33
CA TYR B 25 4.36 5.64 -7.19
C TYR B 25 2.90 5.87 -6.84
N MET B 26 2.18 6.48 -7.77
CA MET B 26 0.77 6.71 -7.48
C MET B 26 0.01 5.42 -7.11
N GLN B 27 0.31 4.33 -7.78
CA GLN B 27 -0.34 3.09 -7.49
C GLN B 27 0.68 2.11 -6.89
N HIS B 28 1.76 2.67 -6.33
CA HIS B 28 2.81 1.87 -5.67
C HIS B 28 3.27 0.69 -6.51
N GLY B 29 3.32 0.94 -7.82
CA GLY B 29 3.83 -0.09 -8.76
C GLY B 29 2.81 -1.07 -9.31
N PHE B 30 1.54 -0.98 -8.87
CA PHE B 30 0.50 -1.90 -9.35
C PHE B 30 0.36 -1.85 -10.89
N ASP B 31 0.63 -0.67 -11.43
CA ASP B 31 0.53 -0.45 -12.85
C ASP B 31 1.81 -0.72 -13.64
N TRP B 32 2.95 -0.82 -12.97
CA TRP B 32 4.22 -1.00 -13.72
C TRP B 32 4.28 -2.21 -14.71
N PRO B 33 3.83 -3.40 -14.31
CA PRO B 33 3.89 -4.55 -15.25
C PRO B 33 3.01 -4.37 -16.51
N GLY B 34 2.01 -3.49 -16.44
CA GLY B 34 1.15 -3.28 -17.60
C GLY B 34 1.50 -2.07 -18.47
N LEU B 35 2.48 -1.27 -18.09
CA LEU B 35 2.79 -0.09 -18.90
C LEU B 35 3.28 -0.52 -20.29
N GLN B 36 2.72 0.11 -21.31
CA GLN B 36 3.07 -0.21 -22.69
C GLN B 36 3.36 1.09 -23.37
N GLU B 37 4.41 1.08 -24.18
CA GLU B 37 4.84 2.25 -24.96
C GLU B 37 4.66 1.79 -26.40
N GLY B 38 3.59 2.23 -27.04
CA GLY B 38 3.37 1.87 -28.42
C GLY B 38 3.24 0.37 -28.64
N GLY B 39 2.33 -0.26 -27.87
CA GLY B 39 2.11 -1.68 -27.98
C GLY B 39 3.24 -2.59 -27.49
N THR B 40 4.31 -2.02 -26.93
CA THR B 40 5.40 -2.85 -26.42
C THR B 40 5.46 -2.68 -24.91
N THR B 41 5.42 -3.78 -24.19
CA THR B 41 5.51 -3.72 -22.72
C THR B 41 6.81 -3.08 -22.25
N LYS B 42 6.70 -2.01 -21.49
CA LYS B 42 7.88 -1.29 -21.05
C LYS B 42 8.76 -2.01 -20.05
N TYR B 43 8.13 -2.71 -19.11
CA TYR B 43 8.86 -3.35 -18.02
C TYR B 43 8.47 -4.78 -17.87
N PRO B 44 8.87 -5.63 -18.84
CA PRO B 44 8.46 -7.04 -18.69
C PRO B 44 8.96 -7.79 -17.44
N ALA B 45 10.15 -7.45 -16.96
CA ALA B 45 10.68 -8.17 -15.82
C ALA B 45 9.91 -7.84 -14.52
N CYS B 46 9.13 -6.76 -14.51
CA CYS B 46 8.35 -6.40 -13.29
C CYS B 46 7.23 -7.40 -13.04
N SER B 47 6.99 -8.31 -14.00
CA SER B 47 5.99 -9.37 -13.83
C SER B 47 6.61 -10.70 -13.37
N GLY B 48 7.91 -10.68 -13.05
CA GLY B 48 8.56 -11.89 -12.58
C GLY B 48 8.00 -12.55 -11.32
N SER B 49 8.53 -13.73 -11.00
CA SER B 49 8.07 -14.42 -9.82
C SER B 49 9.08 -14.36 -8.68
N ASN B 50 10.17 -13.57 -8.82
CA ASN B 50 11.12 -13.40 -7.72
C ASN B 50 11.27 -11.89 -7.46
N GLN B 51 10.13 -11.22 -7.32
CA GLN B 51 10.11 -9.77 -7.13
C GLN B 51 10.22 -9.32 -5.69
N SER B 52 10.69 -8.07 -5.51
CA SER B 52 10.85 -7.44 -4.20
C SER B 52 10.03 -6.15 -4.23
N PRO B 53 9.59 -5.64 -3.05
CA PRO B 53 9.84 -6.16 -1.69
C PRO B 53 8.89 -7.31 -1.35
N ILE B 54 9.09 -7.91 -0.19
CA ILE B 54 8.21 -8.95 0.28
C ILE B 54 8.05 -8.74 1.76
N ASP B 55 7.15 -9.53 2.37
CA ASP B 55 6.99 -9.52 3.83
C ASP B 55 8.03 -10.47 4.45
N ILE B 56 8.62 -10.03 5.55
CA ILE B 56 9.58 -10.86 6.27
C ILE B 56 8.74 -11.37 7.44
N ASN B 57 8.40 -12.66 7.39
CA ASN B 57 7.57 -13.27 8.44
C ASN B 57 8.57 -13.98 9.38
N THR B 58 8.75 -13.44 10.59
CA THR B 58 9.75 -14.06 11.45
C THR B 58 9.44 -15.47 11.90
N ASN B 59 8.20 -15.94 11.73
CA ASN B 59 7.91 -17.29 12.12
C ASN B 59 8.26 -18.26 11.04
N GLN B 60 8.58 -17.77 9.84
CA GLN B 60 8.87 -18.70 8.76
C GLN B 60 10.26 -18.61 8.18
N LEU B 61 11.23 -18.11 8.95
CA LEU B 61 12.57 -17.99 8.40
C LEU B 61 13.29 -19.32 8.43
N MET B 62 13.94 -19.69 7.34
CA MET B 62 14.65 -20.94 7.25
C MET B 62 16.11 -20.84 7.68
N GLU B 63 16.73 -21.97 8.03
CA GLU B 63 18.12 -21.98 8.48
C GLU B 63 19.01 -21.76 7.29
N PRO B 64 20.07 -20.96 7.46
CA PRO B 64 21.03 -20.64 6.40
C PRO B 64 21.56 -21.85 5.59
N SER B 65 21.81 -22.97 6.27
CA SER B 65 22.32 -24.13 5.54
C SER B 65 21.39 -24.66 4.45
N SER B 66 20.06 -24.44 4.58
CA SER B 66 19.11 -24.94 3.59
C SER B 66 19.12 -24.15 2.28
N ARG B 67 19.85 -23.04 2.27
CA ARG B 67 19.93 -22.23 1.08
C ARG B 67 21.13 -22.64 0.26
N SER B 68 20.88 -23.35 -0.82
CA SER B 68 22.02 -23.77 -1.60
C SER B 68 22.36 -22.69 -2.65
N GLY B 69 23.64 -22.49 -2.91
CA GLY B 69 23.99 -21.51 -3.91
C GLY B 69 24.20 -20.07 -3.44
N THR B 70 23.77 -19.75 -2.21
CA THR B 70 23.98 -18.40 -1.62
C THR B 70 24.29 -18.48 -0.15
N SER B 71 25.41 -17.87 0.26
CA SER B 71 25.83 -17.91 1.66
C SER B 71 25.41 -16.64 2.40
N ALA B 72 25.77 -16.59 3.69
CA ALA B 72 25.55 -15.39 4.46
C ALA B 72 26.52 -14.34 3.88
N VAL B 73 26.25 -13.07 4.11
CA VAL B 73 27.21 -12.09 3.65
C VAL B 73 28.29 -11.92 4.74
N SER B 74 29.54 -11.75 4.33
CA SER B 74 30.56 -11.45 5.34
C SER B 74 30.68 -9.90 5.22
N LEU B 75 30.21 -9.18 6.22
CA LEU B 75 30.22 -7.73 6.14
C LEU B 75 31.63 -7.09 6.01
N ASN B 76 32.64 -7.75 6.58
CA ASN B 76 34.00 -7.23 6.55
C ASN B 76 34.07 -5.73 6.93
N GLY B 77 34.66 -4.90 6.08
CA GLY B 77 34.80 -3.47 6.38
C GLY B 77 33.52 -2.69 6.68
N LEU B 78 32.37 -3.21 6.27
CA LEU B 78 31.15 -2.48 6.62
C LEU B 78 30.86 -2.57 8.11
N ASN B 79 31.36 -3.63 8.74
CA ASN B 79 31.06 -3.82 10.15
C ASN B 79 32.25 -3.43 11.06
N VAL B 80 33.14 -2.62 10.54
CA VAL B 80 34.27 -2.10 11.32
C VAL B 80 34.25 -0.57 11.24
N ASP B 81 34.30 0.08 12.42
CA ASP B 81 34.37 1.54 12.51
C ASP B 81 35.21 2.08 11.34
N GLY B 82 34.63 2.95 10.52
CA GLY B 82 35.36 3.49 9.39
C GLY B 82 36.67 4.21 9.69
N ALA B 83 36.82 4.72 10.91
CA ALA B 83 38.07 5.43 11.26
C ALA B 83 39.22 4.45 11.53
N GLN B 84 38.95 3.12 11.43
CA GLN B 84 40.02 2.11 11.60
C GLN B 84 40.58 1.74 10.24
N ALA B 85 41.81 1.27 10.20
CA ALA B 85 42.42 0.94 8.93
C ALA B 85 41.59 -0.08 8.10
N ASP B 86 40.85 -0.95 8.75
CA ASP B 86 40.06 -1.98 8.02
C ASP B 86 38.55 -1.75 8.06
N GLY B 87 38.15 -0.51 8.33
CA GLY B 87 36.74 -0.17 8.35
C GLY B 87 36.48 0.69 7.13
N ILE B 88 35.26 0.60 6.59
CA ILE B 88 34.94 1.39 5.40
C ILE B 88 34.27 2.70 5.71
N THR B 89 34.77 3.76 5.06
CA THR B 89 34.17 5.10 5.16
C THR B 89 33.74 5.47 3.75
N LEU B 90 32.54 6.03 3.60
CA LEU B 90 32.11 6.46 2.28
C LEU B 90 32.64 7.89 2.18
N THR B 91 33.59 8.11 1.28
CA THR B 91 34.23 9.43 1.15
C THR B 91 33.78 10.14 -0.11
N ASN B 92 33.94 11.48 -0.09
CA ASN B 92 33.50 12.36 -1.18
C ASN B 92 32.05 12.03 -1.50
N ALA B 93 31.30 11.96 -0.40
CA ALA B 93 29.87 11.64 -0.39
C ALA B 93 29.09 12.82 -0.92
N LYS B 94 28.06 12.50 -1.68
CA LYS B 94 27.22 13.53 -2.32
C LYS B 94 25.77 13.07 -2.22
N VAL B 95 24.82 14.01 -2.19
CA VAL B 95 23.44 13.56 -2.10
C VAL B 95 22.63 14.27 -3.18
N ASP B 96 21.62 13.57 -3.72
CA ASP B 96 20.72 14.14 -4.70
C ASP B 96 19.52 14.74 -3.93
N LEU B 97 19.26 16.01 -4.11
CA LEU B 97 18.15 16.58 -3.37
C LEU B 97 16.83 16.41 -4.11
N GLU B 98 16.33 15.18 -4.12
CA GLU B 98 15.05 14.87 -4.74
C GLU B 98 14.57 13.55 -4.14
N GLN B 99 13.38 13.11 -4.57
CA GLN B 99 12.80 11.86 -4.13
C GLN B 99 13.87 10.79 -3.98
N GLY B 100 13.87 10.11 -2.82
CA GLY B 100 14.83 9.01 -2.57
C GLY B 100 16.16 9.44 -1.95
N MET B 101 16.53 10.71 -2.12
CA MET B 101 17.79 11.28 -1.59
C MET B 101 18.98 10.36 -1.77
N LYS B 102 19.20 9.96 -3.02
CA LYS B 102 20.32 9.03 -3.27
C LYS B 102 21.68 9.62 -2.91
N VAL B 103 22.51 8.81 -2.24
CA VAL B 103 23.85 9.25 -1.81
C VAL B 103 24.85 8.41 -2.58
N THR B 104 25.85 9.08 -3.17
CA THR B 104 26.93 8.45 -3.92
C THR B 104 28.23 8.86 -3.25
N PHE B 105 29.31 8.16 -3.60
CA PHE B 105 30.56 8.38 -2.92
C PHE B 105 31.66 7.68 -3.68
N ASP B 106 32.90 7.90 -3.23
CA ASP B 106 34.01 7.20 -3.86
C ASP B 106 33.76 5.73 -3.65
N GLN B 107 34.06 4.94 -4.66
CA GLN B 107 33.88 3.49 -4.60
C GLN B 107 34.89 2.85 -3.64
N PRO B 108 34.39 2.12 -2.63
CA PRO B 108 35.30 1.46 -1.68
C PRO B 108 36.16 0.43 -2.44
N ALA B 109 37.42 0.28 -2.04
CA ALA B 109 38.29 -0.67 -2.73
C ALA B 109 38.96 -1.74 -1.84
N ALA B 110 38.85 -1.60 -0.51
CA ALA B 110 39.50 -2.54 0.40
C ALA B 110 38.53 -3.02 1.45
N ASN B 111 38.83 -4.18 2.01
CA ASN B 111 37.98 -4.77 3.07
C ASN B 111 36.53 -5.00 2.56
N LEU B 112 36.36 -5.25 1.27
CA LEU B 112 34.99 -5.40 0.74
C LEU B 112 34.20 -6.57 1.30
N PRO B 113 32.87 -6.39 1.47
CA PRO B 113 32.05 -7.49 1.99
C PRO B 113 32.00 -8.58 0.90
N THR B 114 31.79 -9.83 1.30
CA THR B 114 31.72 -10.88 0.31
C THR B 114 30.53 -11.80 0.56
N ILE B 115 30.15 -12.52 -0.50
CA ILE B 115 29.11 -13.52 -0.45
C ILE B 115 29.56 -14.63 -1.42
N GLU B 116 29.36 -15.87 -0.98
CA GLU B 116 29.69 -17.00 -1.85
C GLU B 116 28.41 -17.28 -2.66
N ILE B 117 28.50 -17.15 -3.97
CA ILE B 117 27.36 -17.38 -4.84
C ILE B 117 27.68 -18.44 -5.90
N GLY B 118 26.91 -19.54 -5.85
CA GLY B 118 27.13 -20.62 -6.81
C GLY B 118 28.57 -21.16 -6.80
N GLY B 119 29.12 -21.33 -5.60
CA GLY B 119 30.47 -21.85 -5.47
C GLY B 119 31.61 -20.87 -5.65
N THR B 120 31.28 -19.62 -5.99
CA THR B 120 32.32 -18.63 -6.16
C THR B 120 32.18 -17.55 -5.06
N THR B 121 33.28 -17.20 -4.41
CA THR B 121 33.25 -16.12 -3.42
C THR B 121 33.33 -14.83 -4.18
N LYS B 122 32.31 -13.99 -4.05
CA LYS B 122 32.31 -12.72 -4.75
C LYS B 122 32.44 -11.57 -3.77
N SER B 123 33.16 -10.53 -4.18
CA SER B 123 33.36 -9.31 -3.37
C SER B 123 32.33 -8.31 -3.94
N PHE B 124 31.75 -7.49 -3.05
CA PHE B 124 30.72 -6.54 -3.45
C PHE B 124 31.12 -5.13 -3.13
N VAL B 125 30.95 -4.25 -4.10
CA VAL B 125 31.31 -2.86 -3.93
C VAL B 125 30.10 -1.96 -3.72
N PRO B 126 30.03 -1.27 -2.58
CA PRO B 126 28.90 -0.36 -2.37
C PRO B 126 28.98 0.70 -3.49
N ILE B 127 27.84 0.97 -4.15
CA ILE B 127 27.80 1.96 -5.21
C ILE B 127 26.89 3.16 -4.90
N GLN B 128 25.87 3.00 -4.06
CA GLN B 128 25.06 4.14 -3.66
C GLN B 128 24.16 3.63 -2.57
N PHE B 129 23.52 4.55 -1.84
CA PHE B 129 22.47 4.10 -0.95
C PHE B 129 21.33 5.11 -1.13
N HIS B 130 20.09 4.72 -0.82
CA HIS B 130 18.98 5.66 -1.03
C HIS B 130 17.87 5.29 -0.05
N PHE B 131 16.80 6.07 -0.06
CA PHE B 131 15.72 5.84 0.92
C PHE B 131 14.34 5.68 0.31
N HIS B 132 13.49 4.90 1.00
CA HIS B 132 12.06 4.81 0.63
C HIS B 132 11.46 5.44 1.91
N HIS B 133 10.91 6.63 1.72
CA HIS B 133 10.44 7.41 2.83
C HIS B 133 8.92 7.43 3.01
N PHE B 134 8.54 7.45 4.29
CA PHE B 134 7.17 7.49 4.83
C PHE B 134 6.50 6.13 5.00
N LEU B 135 6.77 5.20 4.07
CA LEU B 135 6.30 3.83 4.17
C LEU B 135 7.48 2.95 3.66
N SER B 136 7.93 1.98 4.45
CA SER B 136 8.96 1.01 4.06
C SER B 136 8.45 0.11 2.92
N GLU B 137 9.40 -0.46 2.17
CA GLU B 137 9.00 -1.33 1.08
C GLU B 137 8.76 -2.72 1.64
N HIS B 138 9.76 -3.26 2.32
CA HIS B 138 9.50 -4.53 2.97
C HIS B 138 8.67 -4.27 4.25
N THR B 139 8.02 -5.33 4.71
CA THR B 139 7.28 -5.28 5.98
C THR B 139 7.87 -6.40 6.85
N ILE B 140 7.75 -6.29 8.18
CA ILE B 140 8.24 -7.35 9.06
C ILE B 140 7.00 -7.77 9.85
N ASN B 141 6.60 -9.03 9.70
CA ASN B 141 5.39 -9.56 10.36
C ASN B 141 4.21 -8.67 10.02
N GLY B 142 4.15 -8.28 8.74
CA GLY B 142 3.07 -7.46 8.23
C GLY B 142 3.06 -5.98 8.55
N ILE B 143 4.06 -5.50 9.30
CA ILE B 143 4.13 -4.11 9.70
C ILE B 143 5.13 -3.27 8.90
N HIS B 144 4.75 -2.06 8.50
CA HIS B 144 5.62 -1.12 7.77
C HIS B 144 6.33 -0.22 8.76
N TYR B 145 7.44 0.34 8.29
CA TYR B 145 8.24 1.30 9.08
C TYR B 145 8.19 2.60 8.34
N PRO B 146 8.49 3.73 9.00
CA PRO B 146 8.37 4.95 8.20
C PRO B 146 9.56 5.24 7.29
N LEU B 147 10.63 4.46 7.41
CA LEU B 147 11.81 4.70 6.55
C LEU B 147 12.58 3.41 6.33
N GLU B 148 13.02 3.19 5.10
CA GLU B 148 13.81 1.99 4.78
C GLU B 148 14.98 2.50 3.90
N LEU B 149 16.19 2.20 4.32
CA LEU B 149 17.40 2.65 3.63
C LEU B 149 17.92 1.41 2.86
N HIS B 150 18.40 1.60 1.63
CA HIS B 150 18.93 0.49 0.82
C HIS B 150 20.36 0.86 0.45
N ILE B 151 21.33 0.04 0.84
CA ILE B 151 22.74 0.28 0.48
C ILE B 151 22.88 -0.75 -0.65
N VAL B 152 23.16 -0.27 -1.86
CA VAL B 152 23.24 -1.09 -3.04
C VAL B 152 24.71 -1.36 -3.37
N MET B 153 25.01 -2.66 -3.47
CA MET B 153 26.36 -3.14 -3.74
C MET B 153 26.35 -3.98 -5.02
N GLN B 154 27.44 -3.88 -5.78
CA GLN B 154 27.58 -4.58 -7.08
C GLN B 154 28.78 -5.52 -7.00
N GLU B 155 28.68 -6.72 -7.57
CA GLU B 155 29.84 -7.66 -7.56
C GLU B 155 31.02 -6.96 -8.24
N GLN B 156 32.22 -7.17 -7.73
CA GLN B 156 33.42 -6.50 -8.27
C GLN B 156 33.72 -7.06 -9.65
N ASP B 157 34.19 -6.23 -10.57
CA ASP B 157 34.44 -6.74 -11.93
C ASP B 157 33.46 -7.89 -12.39
N PRO B 158 32.24 -7.52 -12.85
CA PRO B 158 31.25 -8.51 -13.32
C PRO B 158 31.44 -8.72 -14.82
N ALA B 159 30.92 -9.81 -15.38
CA ALA B 159 31.00 -10.00 -16.84
C ALA B 159 30.43 -8.75 -17.56
N ASP B 160 29.20 -8.33 -17.20
CA ASP B 160 28.59 -7.12 -17.77
C ASP B 160 27.93 -6.39 -16.62
N VAL B 161 28.22 -5.10 -16.53
CA VAL B 161 27.69 -4.26 -15.48
C VAL B 161 26.14 -4.26 -15.52
N ALA B 162 25.56 -4.25 -16.73
CA ALA B 162 24.10 -4.25 -16.91
C ALA B 162 23.34 -5.44 -16.33
N THR B 163 24.01 -6.58 -16.17
CA THR B 163 23.39 -7.79 -15.64
C THR B 163 24.17 -8.27 -14.39
N ALA B 164 25.02 -7.43 -13.84
CA ALA B 164 25.81 -7.83 -12.68
C ALA B 164 24.98 -8.28 -11.46
N GLN B 165 25.54 -9.17 -10.69
CA GLN B 165 24.94 -9.61 -9.45
C GLN B 165 24.97 -8.43 -8.44
N LEU B 166 23.82 -8.13 -7.85
CA LEU B 166 23.74 -7.06 -6.81
C LEU B 166 23.47 -7.65 -5.44
N ALA B 167 23.84 -6.92 -4.39
CA ALA B 167 23.55 -7.37 -3.05
C ALA B 167 23.04 -6.09 -2.43
N VAL B 168 21.87 -6.15 -1.82
CA VAL B 168 21.35 -4.92 -1.21
C VAL B 168 21.07 -5.13 0.28
N ILE B 169 21.43 -4.14 1.11
CA ILE B 169 21.22 -4.20 2.54
C ILE B 169 20.07 -3.24 2.81
N GLY B 170 19.05 -3.73 3.49
CA GLY B 170 17.95 -2.84 3.81
C GLY B 170 17.94 -2.62 5.32
N ILE B 171 17.76 -1.37 5.72
CA ILE B 171 17.71 -1.00 7.12
C ILE B 171 16.43 -0.24 7.43
N MET B 172 15.72 -0.62 8.50
CA MET B 172 14.46 0.08 8.82
C MET B 172 14.69 1.10 9.94
N TYR B 173 13.79 2.06 10.03
CA TYR B 173 13.82 3.04 11.11
C TYR B 173 12.39 3.07 11.61
N LYS B 174 12.23 2.95 12.91
CA LYS B 174 10.90 3.01 13.51
C LYS B 174 10.75 4.39 14.13
N TYR B 175 9.52 4.91 14.18
CA TYR B 175 9.31 6.20 14.84
C TYR B 175 9.61 6.03 16.34
N SER B 176 10.24 7.06 16.90
CA SER B 176 10.59 7.14 18.32
C SER B 176 10.71 8.64 18.67
N GLU B 177 10.85 8.94 19.97
CA GLU B 177 10.97 10.36 20.38
C GLU B 177 12.43 10.78 20.23
N ASN B 178 13.31 9.81 20.02
CA ASN B 178 14.71 10.13 19.84
C ASN B 178 15.21 9.73 18.44
N GLY B 179 15.49 10.75 17.63
CA GLY B 179 15.91 10.51 16.27
C GLY B 179 17.29 9.92 16.04
N ASP B 180 17.52 9.54 14.79
CA ASP B 180 18.80 8.97 14.38
C ASP B 180 19.87 10.05 14.23
N ALA B 181 21.07 9.75 14.69
CA ALA B 181 22.18 10.71 14.58
C ALA B 181 22.57 11.07 13.15
N PHE B 182 22.64 10.07 12.29
CA PHE B 182 23.04 10.36 10.93
C PHE B 182 21.95 11.17 10.20
N LEU B 183 20.72 10.81 10.38
CA LEU B 183 19.64 11.56 9.73
C LEU B 183 19.66 13.00 10.26
N ASN B 184 19.93 13.14 11.55
CA ASN B 184 19.96 14.48 12.09
C ASN B 184 21.04 15.27 11.43
N SER B 185 22.18 14.65 11.23
CA SER B 185 23.28 15.34 10.57
C SER B 185 23.01 15.64 9.09
N LEU B 186 22.42 14.69 8.37
CA LEU B 186 22.09 14.95 6.97
C LEU B 186 21.10 16.13 6.96
N GLN B 187 20.11 16.11 7.82
CA GLN B 187 19.15 17.19 7.85
C GLN B 187 19.82 18.55 8.12
N THR B 188 20.70 18.58 9.11
CA THR B 188 21.41 19.81 9.45
C THR B 188 22.27 20.30 8.26
N GLN B 189 23.00 19.40 7.60
CA GLN B 189 23.82 19.81 6.48
C GLN B 189 22.98 20.42 5.34
N ILE B 190 21.92 19.71 4.96
CA ILE B 190 21.06 20.21 3.88
C ILE B 190 20.28 21.45 4.27
N GLU B 191 19.68 21.46 5.46
CA GLU B 191 18.96 22.68 5.85
C GLU B 191 19.94 23.88 5.84
N GLY B 192 21.21 23.65 6.21
CA GLY B 192 22.19 24.72 6.20
C GLY B 192 22.53 25.24 4.81
N LYS B 193 22.64 24.34 3.84
CA LYS B 193 22.98 24.73 2.50
C LYS B 193 21.79 25.39 1.80
N ILE B 194 20.58 24.92 2.11
CA ILE B 194 19.39 25.51 1.54
C ILE B 194 19.25 26.91 2.16
N GLY B 195 19.50 27.00 3.48
CA GLY B 195 19.45 28.29 4.15
C GLY B 195 20.46 29.31 3.71
N ASP B 196 21.68 28.89 3.34
CA ASP B 196 22.67 29.85 2.92
C ASP B 196 22.77 29.98 1.40
N GLY B 197 21.84 29.31 0.71
CA GLY B 197 21.77 29.41 -0.72
C GLY B 197 22.84 28.73 -1.52
N THR B 198 23.61 27.84 -0.89
CA THR B 198 24.64 27.13 -1.63
C THR B 198 24.08 25.89 -2.33
N ALA B 199 22.84 25.51 -2.07
CA ALA B 199 22.29 24.39 -2.82
C ALA B 199 20.82 24.67 -2.95
N SER B 200 20.18 24.11 -3.98
CA SER B 200 18.73 24.25 -4.15
C SER B 200 18.12 22.84 -4.24
N TYR B 201 16.85 22.72 -3.91
CA TYR B 201 16.14 21.44 -4.05
C TYR B 201 16.21 21.13 -5.50
N GLY B 202 16.45 19.87 -5.83
CA GLY B 202 16.60 19.44 -7.20
C GLY B 202 18.07 19.30 -7.63
N ASP B 203 19.02 19.90 -6.88
CA ASP B 203 20.45 19.78 -7.25
C ASP B 203 20.85 18.31 -7.04
N THR B 204 21.73 17.82 -7.90
CA THR B 204 22.17 16.46 -7.71
C THR B 204 23.67 16.54 -7.37
N GLY B 205 24.18 15.52 -6.69
CA GLY B 205 25.58 15.54 -6.39
C GLY B 205 26.04 16.61 -5.44
N VAL B 206 25.21 16.94 -4.45
CA VAL B 206 25.53 17.96 -3.45
C VAL B 206 26.49 17.38 -2.38
N SER B 207 27.68 17.95 -2.22
CA SER B 207 28.63 17.40 -1.21
C SER B 207 28.14 17.39 0.21
N ILE B 208 28.39 16.24 0.86
CA ILE B 208 28.02 16.09 2.24
C ILE B 208 29.20 15.46 2.97
N ASP B 209 29.12 15.42 4.27
CA ASP B 209 30.24 14.85 5.06
C ASP B 209 30.39 13.32 4.85
N ASN B 210 31.63 12.82 5.05
CA ASN B 210 31.89 11.38 5.01
C ASN B 210 30.90 10.62 5.90
N ILE B 211 30.66 9.35 5.54
CA ILE B 211 29.76 8.47 6.28
C ILE B 211 30.49 7.20 6.66
N ASN B 212 30.47 6.96 7.96
CA ASN B 212 31.11 5.79 8.62
C ASN B 212 29.98 4.74 8.61
N VAL B 213 30.09 3.76 7.72
CA VAL B 213 29.02 2.77 7.61
C VAL B 213 28.71 2.08 8.92
N LYS B 214 29.73 1.58 9.59
CA LYS B 214 29.48 0.86 10.85
C LYS B 214 28.84 1.71 11.97
N THR B 215 29.38 2.89 12.20
CA THR B 215 28.86 3.73 13.28
C THR B 215 27.63 4.53 12.96
N GLN B 216 27.46 4.87 11.69
CA GLN B 216 26.29 5.68 11.31
C GLN B 216 25.13 4.97 10.63
N LEU B 217 25.43 3.89 9.90
CA LEU B 217 24.35 3.17 9.19
C LEU B 217 23.89 1.81 9.73
N LEU B 218 24.80 0.88 9.96
CA LEU B 218 24.36 -0.45 10.40
C LEU B 218 23.65 -0.39 11.71
N PRO B 219 22.53 -1.15 11.84
CA PRO B 219 21.81 -1.10 13.12
C PRO B 219 22.58 -1.83 14.25
N SER B 220 22.05 -1.77 15.48
CA SER B 220 22.69 -2.36 16.67
C SER B 220 22.85 -3.89 16.69
N SER B 221 22.06 -4.59 15.90
CA SER B 221 22.16 -6.03 15.85
C SER B 221 22.33 -6.44 14.41
N LEU B 222 23.12 -7.47 14.14
CA LEU B 222 23.33 -7.94 12.77
C LEU B 222 22.33 -9.00 12.27
N LYS B 223 21.24 -9.17 13.01
CA LYS B 223 20.19 -10.12 12.65
C LYS B 223 19.56 -9.67 11.34
N TYR B 224 19.48 -10.54 10.36
CA TYR B 224 18.85 -10.12 9.13
C TYR B 224 18.20 -11.30 8.41
N ALA B 225 17.29 -10.98 7.47
CA ALA B 225 16.58 -11.98 6.64
C ALA B 225 17.13 -11.87 5.23
N GLY B 226 17.56 -13.01 4.68
CA GLY B 226 18.11 -12.99 3.36
C GLY B 226 17.26 -13.79 2.39
N TYR B 227 17.15 -13.30 1.15
CA TYR B 227 16.39 -14.01 0.12
C TYR B 227 16.79 -13.53 -1.28
N ASP B 228 16.35 -14.22 -2.34
CA ASP B 228 16.64 -13.85 -3.71
C ASP B 228 15.50 -13.00 -4.25
N GLY B 229 15.83 -11.80 -4.69
CA GLY B 229 14.78 -10.92 -5.15
C GLY B 229 15.22 -10.03 -6.29
N SER B 230 14.63 -8.86 -6.35
CA SER B 230 14.81 -7.96 -7.45
C SER B 230 15.00 -6.48 -7.03
N LEU B 231 15.31 -5.65 -8.03
CA LEU B 231 15.35 -4.19 -7.88
C LEU B 231 13.87 -3.86 -7.58
N THR B 232 13.64 -2.85 -6.75
CA THR B 232 12.22 -2.51 -6.44
C THR B 232 11.71 -1.36 -7.26
N THR B 233 12.53 -1.00 -8.27
CA THR B 233 12.20 0.03 -9.22
C THR B 233 12.33 -0.60 -10.63
N PRO B 234 11.55 -0.11 -11.62
CA PRO B 234 11.62 -0.66 -12.98
C PRO B 234 13.13 -0.50 -13.41
N GLY B 235 13.70 -1.45 -14.15
CA GLY B 235 13.01 -2.63 -14.65
C GLY B 235 12.79 -3.87 -13.79
N CYS B 236 13.00 -3.76 -12.47
CA CYS B 236 12.70 -4.86 -11.54
C CYS B 236 13.57 -6.09 -11.79
N ASP B 237 14.77 -5.87 -12.35
CA ASP B 237 15.66 -7.01 -12.63
C ASP B 237 15.80 -7.95 -11.46
N GLU B 238 15.70 -9.24 -11.74
CA GLU B 238 15.84 -10.23 -10.68
C GLU B 238 17.32 -10.60 -10.52
N ARG B 239 18.11 -9.69 -9.93
CA ARG B 239 19.55 -9.95 -9.78
C ARG B 239 20.03 -9.41 -8.45
N VAL B 240 19.18 -9.53 -7.44
CA VAL B 240 19.55 -8.99 -6.13
C VAL B 240 19.50 -9.99 -4.98
N LYS B 241 20.58 -10.09 -4.23
CA LYS B 241 20.58 -10.93 -3.04
C LYS B 241 20.22 -9.89 -1.97
N TRP B 242 19.04 -10.05 -1.36
CA TRP B 242 18.58 -9.11 -0.33
C TRP B 242 19.01 -9.51 1.04
N HIS B 243 19.30 -8.50 1.89
CA HIS B 243 19.69 -8.73 3.29
C HIS B 243 18.93 -7.67 4.07
N VAL B 244 17.80 -8.02 4.66
CA VAL B 244 17.02 -7.07 5.41
C VAL B 244 17.20 -7.22 6.91
N PHE B 245 17.84 -6.22 7.52
CA PHE B 245 18.10 -6.25 8.97
C PHE B 245 16.79 -6.09 9.70
N THR B 246 16.56 -7.00 10.64
CA THR B 246 15.28 -7.00 11.37
C THR B 246 15.25 -6.15 12.63
N THR B 247 16.38 -5.57 13.00
CA THR B 247 16.39 -4.67 14.16
C THR B 247 16.38 -3.25 13.58
N PRO B 248 15.36 -2.43 13.89
CA PRO B 248 15.38 -1.08 13.30
C PRO B 248 16.20 -0.04 14.01
N ARG B 249 16.47 1.07 13.30
CA ARG B 249 17.12 2.24 13.88
C ARG B 249 15.91 3.07 14.27
N GLU B 250 16.09 4.34 14.60
CA GLU B 250 14.96 5.16 15.06
C GLU B 250 14.89 6.49 14.32
N VAL B 251 13.71 7.05 14.15
CA VAL B 251 13.56 8.34 13.45
C VAL B 251 12.38 9.12 14.04
N THR B 252 12.42 10.46 13.96
CA THR B 252 11.31 11.25 14.49
C THR B 252 10.54 11.86 13.36
N ARG B 253 9.32 12.31 13.65
CA ARG B 253 8.53 12.96 12.64
C ARG B 253 9.27 14.20 12.14
N GLU B 254 9.96 14.88 13.05
CA GLU B 254 10.68 16.08 12.69
C GLU B 254 11.77 15.82 11.69
N GLN B 255 12.44 14.66 11.81
CA GLN B 255 13.50 14.30 10.87
C GLN B 255 12.89 13.94 9.55
N MET B 256 11.78 13.21 9.57
CA MET B 256 11.12 12.81 8.34
C MET B 256 10.72 14.00 7.48
N LYS B 257 10.55 15.17 8.11
CA LYS B 257 10.17 16.36 7.35
C LYS B 257 11.23 16.68 6.23
N LEU B 258 12.48 16.30 6.48
CA LEU B 258 13.51 16.52 5.47
C LEU B 258 13.10 15.88 4.13
N PHE B 259 12.57 14.65 4.17
CA PHE B 259 12.23 13.97 2.89
C PHE B 259 11.07 14.68 2.16
N VAL B 260 10.11 15.25 2.91
CA VAL B 260 9.01 15.96 2.23
C VAL B 260 9.51 17.23 1.60
N ASP B 261 10.24 18.00 2.39
CA ASP B 261 10.84 19.25 1.94
C ASP B 261 11.63 19.06 0.66
N VAL B 262 12.51 18.08 0.70
CA VAL B 262 13.32 17.78 -0.43
C VAL B 262 12.57 17.20 -1.65
N THR B 263 11.69 16.23 -1.44
CA THR B 263 10.99 15.62 -2.56
C THR B 263 10.09 16.67 -3.27
N MET B 264 9.21 17.32 -2.53
CA MET B 264 8.33 18.35 -3.12
C MET B 264 9.06 19.60 -3.58
N GLY B 265 10.13 19.96 -2.86
CA GLY B 265 10.92 21.08 -3.27
C GLY B 265 11.55 20.84 -4.62
N ALA B 266 11.85 19.59 -4.94
CA ALA B 266 12.49 19.28 -6.23
C ALA B 266 11.53 19.14 -7.42
N HIS B 267 10.39 18.53 -7.16
CA HIS B 267 9.37 18.27 -8.18
C HIS B 267 8.00 18.37 -7.49
N ALA B 268 7.27 19.44 -7.75
CA ALA B 268 5.95 19.64 -7.14
C ALA B 268 4.97 18.47 -7.42
N GLY B 269 5.29 17.63 -8.41
CA GLY B 269 4.41 16.50 -8.70
C GLY B 269 5.00 15.15 -8.28
N ALA B 270 6.06 15.18 -7.49
CA ALA B 270 6.70 13.94 -7.06
C ALA B 270 5.82 13.23 -6.03
N ASP B 271 5.96 11.92 -5.96
CA ASP B 271 5.22 11.16 -4.97
C ASP B 271 6.11 11.23 -3.76
N VAL B 272 5.53 11.64 -2.65
N VAL B 272 5.48 11.62 -2.67
CA VAL B 272 6.35 11.73 -1.48
CA VAL B 272 6.18 11.75 -1.43
C VAL B 272 6.50 10.37 -0.80
C VAL B 272 6.45 10.40 -0.78
N VAL B 273 5.60 9.41 -1.04
CA VAL B 273 5.75 8.07 -0.41
C VAL B 273 6.16 7.07 -1.50
N ASN B 274 7.49 6.84 -1.59
CA ASN B 274 8.04 6.06 -2.71
C ASN B 274 8.29 4.60 -2.48
N ASN B 275 7.26 3.87 -2.09
CA ASN B 275 7.45 2.45 -1.88
C ASN B 275 6.67 1.65 -2.90
N ARG B 276 7.32 0.57 -3.35
CA ARG B 276 6.64 -0.34 -4.24
C ARG B 276 5.90 -1.31 -3.29
N MET B 277 4.71 -1.74 -3.71
N MET B 277 4.69 -1.72 -3.67
CA MET B 277 3.87 -2.69 -2.97
CA MET B 277 3.90 -2.64 -2.85
C MET B 277 4.51 -4.07 -2.81
C MET B 277 4.52 -4.03 -2.77
N ILE B 278 4.18 -4.75 -1.70
CA ILE B 278 4.65 -6.09 -1.43
C ILE B 278 4.36 -7.06 -2.59
N GLN B 279 5.32 -7.94 -2.87
CA GLN B 279 5.25 -8.92 -3.96
C GLN B 279 5.06 -10.38 -3.41
N ASP B 280 4.57 -11.25 -4.27
CA ASP B 280 4.29 -12.64 -3.92
C ASP B 280 5.56 -13.41 -3.66
N LEU B 281 5.67 -14.02 -2.49
CA LEU B 281 6.86 -14.82 -2.17
C LEU B 281 7.04 -15.94 -3.22
N GLY B 282 5.95 -16.48 -3.74
CA GLY B 282 6.12 -17.53 -4.74
C GLY B 282 6.70 -18.79 -4.08
N ASP B 283 7.61 -19.47 -4.78
CA ASP B 283 8.16 -20.69 -4.20
C ASP B 283 9.47 -20.42 -3.42
N ARG B 284 9.71 -19.14 -3.12
CA ARG B 284 10.92 -18.77 -2.39
C ARG B 284 10.89 -18.99 -0.88
N GLU B 285 12.08 -19.22 -0.29
CA GLU B 285 12.15 -19.30 1.16
C GLU B 285 12.95 -18.06 1.56
N VAL B 286 12.83 -17.66 2.82
CA VAL B 286 13.55 -16.52 3.35
C VAL B 286 14.34 -17.14 4.51
N TYR B 287 15.61 -16.77 4.64
CA TYR B 287 16.48 -17.36 5.66
C TYR B 287 16.95 -16.37 6.71
N LYS B 288 17.17 -16.90 7.92
CA LYS B 288 17.59 -16.05 9.05
C LYS B 288 19.10 -16.17 9.21
N TYR B 289 19.74 -15.01 9.39
CA TYR B 289 21.17 -14.95 9.54
C TYR B 289 21.53 -14.22 10.81
N ASN B 290 22.58 -14.74 11.43
CA ASN B 290 23.10 -14.19 12.67
C ASN B 290 22.09 -14.28 13.78
N TYR B 291 21.17 -15.24 13.69
CA TYR B 291 20.18 -15.39 14.77
C TYR B 291 20.69 -16.24 15.95
NA NA C . -38.66 -4.97 -7.26
ZN ZN D . -15.54 1.96 1.93
C ACY E . -16.83 1.24 5.20
O ACY E . -16.89 0.99 3.91
OXT ACY E . -15.77 1.43 5.79
CH3 ACY E . -18.17 1.29 5.89
NA NA F . 38.98 3.16 7.39
ZN ZN G . 15.52 0.98 -2.91
ZN ZN H . -0.03 5.95 -2.00
C ACY I . 17.02 -1.41 -4.90
O ACY I . 16.88 -0.61 -3.83
OXT ACY I . 16.11 -2.10 -5.37
CH3 ACY I . 18.42 -1.39 -5.53
#